data_6DIK
#
_entry.id   6DIK
#
_cell.length_a   39.558
_cell.length_b   71.632
_cell.length_c   44.791
_cell.angle_alpha   90.000
_cell.angle_beta   109.020
_cell.angle_gamma   90.000
#
_symmetry.space_group_name_H-M   'P 1 21 1'
#
loop_
_entity.id
_entity.type
_entity.pdbx_description
1 polymer 'Basic phospholipase A2 homolog bothropstoxin-1'
2 non-polymer '(2R,3R)-2,3-bis{[(2E)-3-(3,4-dihydroxyphenyl)prop-2-enoyl]oxy}butanedioic acid'
3 non-polymer 'SULFATE ION'
4 non-polymer 'BICARBONATE ION'
5 non-polymer ETHANOL
6 water water
#
_entity_poly.entity_id   1
_entity_poly.type   'polypeptide(L)'
_entity_poly.pdbx_seq_one_letter_code
;SLFELGKMILQETGKNPAKSYGAYGCNCGVLGRGKPKDATDRCCYVHKCCYKKLTGCNPKKDRYSYSWKDKTIVCGENNP
CLKELCECDKAVAICLRENLGTYNKKYRYHLKPFCKKADPC
;
_entity_poly.pdbx_strand_id   A,B
#
# COMPACT_ATOMS: atom_id res chain seq x y z
N SER A 1 -11.65 2.20 5.08
CA SER A 1 -10.75 1.58 4.11
C SER A 1 -9.78 2.63 3.57
N LEU A 2 -8.75 2.17 2.86
CA LEU A 2 -7.79 3.09 2.27
C LEU A 2 -8.45 4.08 1.32
N PHE A 3 -9.60 3.73 0.73
CA PHE A 3 -10.35 4.69 -0.08
C PHE A 3 -10.72 5.92 0.74
N GLU A 4 -11.40 5.70 1.88
CA GLU A 4 -11.79 6.82 2.75
C GLU A 4 -10.58 7.56 3.28
N LEU A 5 -9.54 6.83 3.69
CA LEU A 5 -8.33 7.47 4.18
C LEU A 5 -7.73 8.40 3.13
N GLY A 6 -7.64 7.92 1.88
CA GLY A 6 -7.11 8.76 0.81
C GLY A 6 -7.93 10.01 0.57
N LYS A 7 -9.26 9.88 0.60
CA LYS A 7 -10.12 11.03 0.37
C LYS A 7 -9.96 12.07 1.48
N MET A 8 -9.86 11.63 2.74
CA MET A 8 -9.64 12.56 3.84
C MET A 8 -8.32 13.31 3.67
N ILE A 9 -7.25 12.58 3.32
CA ILE A 9 -5.95 13.23 3.15
C ILE A 9 -6.02 14.26 2.03
N LEU A 10 -6.70 13.93 0.94
CA LEU A 10 -6.86 14.89 -0.15
C LEU A 10 -7.67 16.10 0.31
N GLN A 11 -8.75 15.87 1.07
CA GLN A 11 -9.59 16.98 1.51
C GLN A 11 -8.84 17.91 2.46
N GLU A 12 -8.04 17.33 3.37
CA GLU A 12 -7.31 18.13 4.35
C GLU A 12 -6.07 18.79 3.74
N THR A 13 -5.22 18.00 3.08
CA THR A 13 -3.92 18.51 2.62
C THR A 13 -3.95 19.05 1.20
N GLY A 14 -4.94 18.68 0.39
CA GLY A 14 -4.91 19.02 -1.02
C GLY A 14 -3.88 18.26 -1.84
N LYS A 15 -3.15 17.33 -1.23
CA LYS A 15 -2.07 16.61 -1.90
C LYS A 15 -2.54 15.24 -2.37
N ASN A 16 -2.00 14.81 -3.51
CA ASN A 16 -2.16 13.43 -3.96
C ASN A 16 -1.65 12.51 -2.85
N PRO A 17 -2.51 11.69 -2.25
CA PRO A 17 -2.08 10.93 -1.06
C PRO A 17 -0.98 9.91 -1.36
N ALA A 18 -1.04 9.23 -2.49
CA ALA A 18 0.00 8.24 -2.78
C ALA A 18 1.33 8.92 -3.04
N LYS A 19 1.29 10.03 -3.75
CA LYS A 19 2.50 10.75 -4.07
C LYS A 19 3.26 11.24 -2.85
N SER A 20 2.55 11.86 -1.92
CA SER A 20 3.20 12.45 -0.77
C SER A 20 3.36 11.50 0.41
N TYR A 21 2.46 10.51 0.54
CA TYR A 21 2.41 9.71 1.76
C TYR A 21 2.39 8.21 1.53
N GLY A 22 2.45 7.73 0.27
CA GLY A 22 2.46 6.30 0.02
C GLY A 22 3.74 5.61 0.40
N ALA A 23 4.82 6.37 0.58
CA ALA A 23 6.13 5.82 0.92
C ALA A 23 6.99 6.95 1.46
N TYR A 24 6.75 7.34 2.71
CA TYR A 24 7.45 8.47 3.32
C TYR A 24 7.99 8.05 4.66
N GLY A 25 9.30 8.23 4.85
CA GLY A 25 9.91 7.92 6.12
C GLY A 25 9.78 6.46 6.47
N CYS A 26 9.64 6.20 7.77
CA CYS A 26 9.60 4.84 8.27
C CYS A 26 8.19 4.33 8.52
N ASN A 27 7.18 5.21 8.49
CA ASN A 27 5.83 4.82 8.89
C ASN A 27 4.73 5.10 7.89
N CYS A 28 4.93 6.00 6.91
CA CYS A 28 3.89 6.28 5.92
C CYS A 28 4.07 5.31 4.77
N GLY A 29 3.15 4.35 4.65
CA GLY A 29 3.24 3.35 3.61
C GLY A 29 2.94 1.97 4.15
N VAL A 30 3.45 0.94 3.47
CA VAL A 30 3.02 -0.42 3.74
C VAL A 30 4.14 -1.28 4.33
N LEU A 31 5.05 -0.67 5.08
CA LEU A 31 6.19 -1.39 5.62
C LEU A 31 6.21 -1.42 7.15
N GLY A 32 5.04 -1.50 7.79
CA GLY A 32 5.03 -1.52 9.24
C GLY A 32 5.45 -0.18 9.84
N ARG A 33 5.91 -0.23 11.09
CA ARG A 33 6.31 0.96 11.81
C ARG A 33 7.82 1.02 11.99
N GLY A 34 8.31 2.21 12.34
CA GLY A 34 9.71 2.45 12.61
C GLY A 34 9.84 3.73 13.40
N LYS A 35 11.03 3.99 13.93
CA LYS A 35 11.27 5.24 14.65
C LYS A 35 11.04 6.34 13.65
N PRO A 36 10.14 7.27 13.96
CA PRO A 36 9.78 8.30 12.96
C PRO A 36 10.95 9.22 12.66
N LYS A 37 11.02 9.66 11.39
CA LYS A 37 12.07 10.55 10.93
C LYS A 37 11.74 12.01 11.18
N ASP A 38 10.46 12.37 11.24
CA ASP A 38 10.04 13.75 11.43
C ASP A 38 8.57 13.74 11.85
N ALA A 39 7.96 14.93 11.87
CA ALA A 39 6.60 15.05 12.37
C ALA A 39 5.59 14.37 11.45
N THR A 40 5.74 14.54 10.13
CA THR A 40 4.85 13.88 9.19
C THR A 40 4.89 12.37 9.38
N ASP A 41 6.10 11.82 9.46
CA ASP A 41 6.28 10.40 9.75
C ASP A 41 5.63 10.02 11.07
N ARG A 42 5.73 10.89 12.08
CA ARG A 42 5.11 10.60 13.38
C ARG A 42 3.60 10.48 13.28
N CYS A 43 2.96 11.30 12.41
CA CYS A 43 1.53 11.15 12.15
C CYS A 43 1.20 9.72 11.76
N CYS A 44 1.95 9.17 10.80
CA CYS A 44 1.71 7.82 10.31
C CYS A 44 2.01 6.77 11.37
N TYR A 45 3.01 7.03 12.22
CA TYR A 45 3.29 6.15 13.35
C TYR A 45 2.09 6.04 14.28
N VAL A 46 1.56 7.20 14.70
CA VAL A 46 0.38 7.26 15.54
C VAL A 46 -0.81 6.57 14.87
N HIS A 47 -0.95 6.77 13.56
CA HIS A 47 -2.04 6.16 12.80
C HIS A 47 -1.97 4.65 12.85
N LYS A 48 -0.78 4.09 12.66
CA LYS A 48 -0.63 2.63 12.67
C LYS A 48 -0.84 2.05 14.05
N CYS A 49 -0.44 2.77 15.11
CA CYS A 49 -0.77 2.33 16.45
C CYS A 49 -2.28 2.38 16.70
N CYS A 50 -2.94 3.38 16.12
CA CYS A 50 -4.39 3.49 16.21
C CYS A 50 -5.06 2.28 15.54
N TYR A 51 -4.56 1.88 14.37
CA TYR A 51 -5.11 0.73 13.67
C TYR A 51 -4.94 -0.55 14.48
N LYS A 52 -3.81 -0.67 15.14
CA LYS A 52 -3.52 -1.84 15.94
C LYS A 52 -4.51 -1.92 17.09
N LYS A 53 -5.11 -1.20 17.58
CA LYS A 53 -6.05 -1.42 18.66
C LYS A 53 -7.50 -1.51 18.19
N LEU A 54 -7.72 -1.61 16.88
CA LEU A 54 -9.06 -1.81 16.36
C LEU A 54 -9.47 -3.27 16.46
N THR A 55 -10.67 -3.52 16.97
CA THR A 55 -11.23 -4.86 17.07
C THR A 55 -12.64 -4.83 16.53
N GLY A 56 -12.94 -5.73 15.59
CA GLY A 56 -14.27 -5.83 15.01
C GLY A 56 -14.39 -5.37 13.57
N CYS A 57 -13.33 -4.85 12.96
CA CYS A 57 -13.40 -4.42 11.57
C CYS A 57 -11.99 -4.47 10.96
N ASN A 58 -11.96 -4.41 9.62
CA ASN A 58 -10.72 -4.49 8.86
C ASN A 58 -10.32 -3.09 8.40
N PRO A 59 -9.27 -2.49 8.96
CA PRO A 59 -8.98 -1.08 8.67
C PRO A 59 -8.65 -0.82 7.21
N LYS A 60 -8.13 -1.82 6.50
CA LYS A 60 -7.74 -1.61 5.11
C LYS A 60 -8.92 -1.75 4.15
N LYS A 61 -9.84 -2.67 4.43
CA LYS A 61 -10.89 -3.03 3.47
C LYS A 61 -12.27 -2.50 3.83
N ASP A 62 -12.56 -2.26 5.11
CA ASP A 62 -13.92 -1.92 5.52
C ASP A 62 -14.21 -0.46 5.21
N ARG A 63 -15.13 -0.27 4.28
CA ARG A 63 -15.63 1.09 3.98
CA ARG A 63 -15.63 1.08 3.98
C ARG A 63 -16.68 1.72 5.07
N TYR A 64 -16.62 3.03 5.14
CA TYR A 64 -17.49 3.70 6.09
C TYR A 64 -17.86 5.06 5.54
N SER A 65 -18.87 5.67 6.16
CA SER A 65 -19.44 6.94 5.73
C SER A 65 -18.92 8.06 6.62
N TYR A 66 -18.56 9.18 5.99
CA TYR A 66 -18.28 10.40 6.74
C TYR A 66 -18.72 11.59 5.88
N SER A 67 -18.80 12.74 6.53
CA SER A 67 -19.29 13.94 5.88
C SER A 67 -18.25 15.05 6.00
N TRP A 68 -18.28 15.94 5.03
CA TRP A 68 -17.39 17.10 4.96
C TRP A 68 -18.29 18.31 5.20
N LYS A 69 -18.36 18.75 6.46
CA LYS A 69 -19.28 19.79 6.88
C LYS A 69 -18.48 20.93 7.48
N ASP A 70 -18.67 22.14 6.93
CA ASP A 70 -17.90 23.31 7.33
C ASP A 70 -16.40 23.01 7.28
N LYS A 71 -16.00 22.30 6.21
CA LYS A 71 -14.61 21.92 5.97
C LYS A 71 -14.02 21.18 7.17
N THR A 72 -14.82 20.31 7.77
CA THR A 72 -14.38 19.43 8.85
C THR A 72 -14.82 18.02 8.50
N ILE A 73 -13.97 17.04 8.79
CA ILE A 73 -14.35 15.64 8.65
C ILE A 73 -15.24 15.28 9.83
N VAL A 74 -16.45 14.81 9.54
CA VAL A 74 -17.41 14.44 10.58
C VAL A 74 -17.73 12.97 10.37
N CYS A 75 -17.24 12.12 11.29
CA CYS A 75 -17.47 10.69 11.18
C CYS A 75 -18.94 10.37 11.39
N GLY A 76 -19.53 9.64 10.46
CA GLY A 76 -20.95 9.40 10.47
C GLY A 76 -21.32 7.95 10.73
N GLU A 77 -20.54 7.29 11.58
CA GLU A 77 -20.80 5.92 11.98
C GLU A 77 -20.96 5.86 13.49
N ASN A 78 -21.80 4.93 13.94
CA ASN A 78 -21.95 4.67 15.36
C ASN A 78 -21.61 3.23 15.74
N ASN A 79 -21.37 2.34 14.78
CA ASN A 79 -20.74 1.07 15.08
C ASN A 79 -19.37 1.35 15.69
N PRO A 80 -19.05 0.76 16.86
CA PRO A 80 -17.83 1.21 17.58
C PRO A 80 -16.57 1.10 16.78
N CYS A 81 -16.36 0.00 16.05
CA CYS A 81 -15.12 -0.18 15.30
C CYS A 81 -15.03 0.83 14.16
N LEU A 82 -16.07 0.93 13.34
CA LEU A 82 -16.04 1.86 12.21
C LEU A 82 -15.91 3.30 12.69
N LYS A 83 -16.50 3.61 13.84
CA LYS A 83 -16.38 4.94 14.39
C LYS A 83 -14.92 5.21 14.75
N GLU A 84 -14.29 4.27 15.45
CA GLU A 84 -12.90 4.40 15.83
C GLU A 84 -11.99 4.43 14.61
N LEU A 85 -12.30 3.59 13.64
CA LEU A 85 -11.52 3.58 12.42
C LEU A 85 -11.60 4.93 11.73
N CYS A 86 -12.82 5.46 11.59
CA CYS A 86 -12.99 6.78 10.99
C CYS A 86 -12.21 7.85 11.75
N GLU A 87 -12.19 7.74 13.08
CA GLU A 87 -11.46 8.74 13.87
C GLU A 87 -9.95 8.61 13.72
N CYS A 88 -9.44 7.37 13.60
CA CYS A 88 -8.02 7.16 13.29
C CYS A 88 -7.63 7.88 12.01
N ASP A 89 -8.42 7.66 10.96
CA ASP A 89 -8.14 8.23 9.63
C ASP A 89 -8.28 9.74 9.64
N LYS A 90 -9.33 10.25 10.27
CA LYS A 90 -9.49 11.70 10.40
C LYS A 90 -8.28 12.31 11.09
N ALA A 91 -7.80 11.69 12.17
CA ALA A 91 -6.69 12.25 12.92
C ALA A 91 -5.42 12.30 12.09
N VAL A 92 -5.13 11.24 11.32
CA VAL A 92 -3.91 11.27 10.53
C VAL A 92 -4.00 12.31 9.41
N ALA A 93 -5.19 12.44 8.80
CA ALA A 93 -5.34 13.43 7.74
C ALA A 93 -5.10 14.84 8.27
N ILE A 94 -5.70 15.16 9.42
CA ILE A 94 -5.48 16.45 10.05
C ILE A 94 -4.02 16.62 10.44
N CYS A 95 -3.43 15.58 11.05
CA CYS A 95 -2.03 15.63 11.47
C CYS A 95 -1.11 15.89 10.28
N LEU A 96 -1.37 15.23 9.15
CA LEU A 96 -0.52 15.42 7.98
C LEU A 96 -0.63 16.85 7.45
N ARG A 97 -1.84 17.40 7.39
CA ARG A 97 -1.99 18.80 7.02
C ARG A 97 -1.22 19.71 7.98
N GLU A 98 -1.32 19.43 9.28
CA GLU A 98 -0.70 20.30 10.28
C GLU A 98 0.82 20.29 10.21
N ASN A 99 1.41 19.29 9.56
CA ASN A 99 2.86 19.16 9.52
C ASN A 99 3.41 19.27 8.10
N LEU A 100 2.60 19.79 7.18
CA LEU A 100 3.11 20.10 5.84
C LEU A 100 4.28 21.06 5.89
N GLY A 101 4.32 21.93 6.91
CA GLY A 101 5.38 22.90 7.04
C GLY A 101 6.76 22.31 7.23
N THR A 102 6.88 21.10 7.75
CA THR A 102 8.19 20.45 7.86
C THR A 102 8.30 19.22 6.97
N TYR A 103 7.32 18.96 6.12
CA TYR A 103 7.41 17.87 5.15
C TYR A 103 8.68 18.02 4.32
N ASN A 104 9.44 16.93 4.17
CA ASN A 104 10.69 16.97 3.44
C ASN A 104 10.70 15.84 2.42
N LYS A 105 10.76 16.20 1.15
CA LYS A 105 10.77 15.23 0.06
C LYS A 105 11.91 14.22 0.15
N LYS A 106 12.96 14.54 0.89
CA LYS A 106 14.08 13.61 0.98
C LYS A 106 13.68 12.31 1.68
N TYR A 107 12.58 12.31 2.42
CA TYR A 107 12.11 11.11 3.10
C TYR A 107 11.18 10.26 2.23
N ARG A 108 10.85 10.72 1.02
CA ARG A 108 10.12 9.87 0.08
C ARG A 108 10.98 8.68 -0.31
N TYR A 109 10.37 7.49 -0.28
CA TYR A 109 11.04 6.24 -0.62
C TYR A 109 12.27 6.00 0.25
N HIS A 110 12.15 6.39 1.52
CA HIS A 110 13.16 6.07 2.53
C HIS A 110 13.35 4.55 2.62
N LEU A 111 14.60 4.10 2.64
CA LEU A 111 14.88 2.68 2.66
C LEU A 111 14.73 2.11 4.07
N LYS A 112 14.05 0.98 4.18
CA LYS A 112 13.81 0.34 5.45
C LYS A 112 15.07 0.09 6.30
N PRO A 113 16.19 -0.34 5.68
CA PRO A 113 17.38 -0.56 6.51
C PRO A 113 17.83 0.67 7.29
N PHE A 114 17.52 1.87 6.82
CA PHE A 114 17.84 3.09 7.56
C PHE A 114 16.90 3.35 8.72
N CYS A 115 15.87 2.53 8.90
CA CYS A 115 14.88 2.73 9.95
C CYS A 115 15.28 2.00 11.22
N LYS A 116 15.14 2.70 12.35
CA LYS A 116 15.23 2.18 13.43
C LYS A 116 14.04 1.47 14.07
N LYS A 117 14.12 0.52 15.05
CA LYS A 117 12.94 -0.17 15.55
C LYS A 117 12.01 0.81 16.26
N ALA A 118 10.71 0.67 16.02
CA ALA A 118 9.73 1.57 16.62
C ALA A 118 9.52 1.25 18.09
N ASP A 119 9.16 2.28 18.85
CA ASP A 119 8.75 2.07 20.23
C ASP A 119 7.40 1.36 20.28
N PRO A 120 7.11 0.63 21.35
CA PRO A 120 5.82 -0.06 21.45
C PRO A 120 4.68 0.94 21.48
N CYS A 121 3.55 0.55 20.90
CA CYS A 121 2.40 1.43 20.84
C CYS A 121 1.83 1.64 22.24
N SER B 1 5.85 -12.49 1.54
CA SER B 1 5.60 -11.16 2.08
C SER B 1 6.08 -10.08 1.10
N LEU B 2 5.80 -8.82 1.42
CA LEU B 2 6.24 -7.73 0.57
C LEU B 2 7.75 -7.70 0.40
N PHE B 3 8.49 -8.17 1.42
CA PHE B 3 9.95 -8.20 1.31
C PHE B 3 10.40 -9.07 0.15
N GLU B 4 9.87 -10.29 0.06
CA GLU B 4 10.23 -11.16 -1.05
C GLU B 4 9.73 -10.59 -2.38
N LEU B 5 8.47 -10.14 -2.41
CA LEU B 5 7.91 -9.59 -3.64
C LEU B 5 8.71 -8.39 -4.14
N GLY B 6 9.06 -7.48 -3.23
CA GLY B 6 9.85 -6.33 -3.62
C GLY B 6 11.21 -6.73 -4.17
N LYS B 7 11.86 -7.72 -3.56
CA LYS B 7 13.16 -8.15 -4.03
C LYS B 7 13.06 -8.79 -5.42
N MET B 8 12.02 -9.61 -5.64
CA MET B 8 11.81 -10.20 -6.96
C MET B 8 11.64 -9.12 -8.03
N ILE B 9 10.84 -8.10 -7.74
CA ILE B 9 10.60 -7.04 -8.72
C ILE B 9 11.90 -6.30 -9.02
N LEU B 10 12.70 -6.04 -7.98
CA LEU B 10 14.01 -5.44 -8.20
C LEU B 10 14.91 -6.33 -9.07
N GLN B 11 14.93 -7.63 -8.77
CA GLN B 11 15.86 -8.52 -9.48
C GLN B 11 15.46 -8.67 -10.95
N GLU B 12 14.16 -8.68 -11.24
CA GLU B 12 13.69 -8.82 -12.62
C GLU B 12 13.73 -7.49 -13.37
N THR B 13 13.16 -6.44 -12.79
CA THR B 13 12.99 -5.17 -13.51
C THR B 13 14.17 -4.22 -13.36
N GLY B 14 14.97 -4.36 -12.29
CA GLY B 14 15.98 -3.37 -12.00
C GLY B 14 15.47 -2.08 -11.42
N LYS B 15 14.17 -1.98 -11.19
CA LYS B 15 13.60 -0.75 -10.65
C LYS B 15 13.23 -0.80 -9.20
N ASN B 16 13.34 0.35 -8.55
CA ASN B 16 12.85 0.47 -7.18
C ASN B 16 11.38 0.08 -7.18
N PRO B 17 11.00 -1.02 -6.53
CA PRO B 17 9.60 -1.47 -6.63
C PRO B 17 8.60 -0.52 -5.98
N ALA B 18 8.99 0.18 -4.91
CA ALA B 18 8.08 1.16 -4.32
C ALA B 18 7.84 2.33 -5.26
N LYS B 19 8.92 2.87 -5.85
CA LYS B 19 8.80 4.04 -6.72
C LYS B 19 8.01 3.71 -7.99
N SER B 20 8.27 2.56 -8.60
CA SER B 20 7.68 2.24 -9.88
C SER B 20 6.33 1.55 -9.78
N TYR B 21 6.09 0.78 -8.73
CA TYR B 21 4.92 -0.06 -8.67
C TYR B 21 4.14 0.04 -7.36
N GLY B 22 4.55 0.90 -6.44
CA GLY B 22 3.79 1.08 -5.21
C GLY B 22 2.47 1.79 -5.40
N ALA B 23 2.33 2.52 -6.50
CA ALA B 23 1.10 3.25 -6.82
C ALA B 23 1.07 3.54 -8.31
N TYR B 24 0.62 2.57 -9.10
CA TYR B 24 0.64 2.69 -10.55
C TYR B 24 -0.68 2.19 -11.09
N GLY B 25 -1.35 3.05 -11.87
CA GLY B 25 -2.59 2.66 -12.52
C GLY B 25 -3.68 2.33 -11.51
N CYS B 26 -4.52 1.36 -11.85
CA CYS B 26 -5.65 0.99 -11.03
C CYS B 26 -5.43 -0.28 -10.22
N ASN B 27 -4.29 -0.94 -10.37
CA ASN B 27 -4.07 -2.23 -9.74
C ASN B 27 -2.75 -2.40 -9.03
N CYS B 28 -1.72 -1.63 -9.35
CA CYS B 28 -0.41 -1.77 -8.71
C CYS B 28 -0.39 -0.94 -7.42
N GLY B 29 -0.43 -1.62 -6.29
CA GLY B 29 -0.39 -0.91 -5.02
C GLY B 29 -1.51 -1.31 -4.09
N VAL B 30 -2.03 -0.35 -3.33
CA VAL B 30 -2.92 -0.64 -2.21
C VAL B 30 -4.35 -0.80 -2.70
N LEU B 31 -5.10 -1.59 -1.94
CA LEU B 31 -6.56 -1.73 -1.99
C LEU B 31 -7.16 -1.97 -3.37
N GLY B 32 -7.38 -3.23 -3.70
CA GLY B 32 -8.37 -3.60 -4.69
C GLY B 32 -7.90 -3.52 -6.12
N ARG B 33 -8.78 -3.96 -7.01
CA ARG B 33 -8.55 -3.96 -8.44
C ARG B 33 -9.44 -2.91 -9.12
N GLY B 34 -9.03 -2.54 -10.32
CA GLY B 34 -9.83 -1.72 -11.20
C GLY B 34 -9.49 -2.10 -12.62
N LYS B 35 -10.31 -1.63 -13.54
CA LYS B 35 -10.06 -1.89 -14.95
C LYS B 35 -8.64 -1.43 -15.30
N PRO B 36 -7.78 -2.31 -15.81
CA PRO B 36 -6.38 -1.93 -16.01
C PRO B 36 -6.21 -0.85 -17.07
N LYS B 37 -5.21 0.01 -16.85
CA LYS B 37 -4.90 1.11 -17.76
C LYS B 37 -3.95 0.71 -18.88
N ASP B 38 -3.07 -0.26 -18.65
CA ASP B 38 -2.09 -0.71 -19.65
C ASP B 38 -1.59 -2.08 -19.23
N ALA B 39 -0.57 -2.58 -19.93
CA ALA B 39 -0.09 -3.94 -19.68
C ALA B 39 0.55 -4.07 -18.30
N THR B 40 1.36 -3.07 -17.90
CA THR B 40 1.95 -3.08 -16.57
C THR B 40 0.87 -3.19 -15.50
N ASP B 41 -0.15 -2.33 -15.59
CA ASP B 41 -1.26 -2.37 -14.66
C ASP B 41 -1.96 -3.73 -14.67
N ARG B 42 -2.11 -4.31 -15.86
CA ARG B 42 -2.76 -5.62 -15.94
C ARG B 42 -1.94 -6.70 -15.24
N CYS B 43 -0.61 -6.57 -15.22
CA CYS B 43 0.20 -7.51 -14.45
C CYS B 43 -0.25 -7.54 -12.99
N CYS B 44 -0.43 -6.35 -12.41
CA CYS B 44 -0.84 -6.26 -11.01
C CYS B 44 -2.28 -6.72 -10.81
N TYR B 45 -3.13 -6.56 -11.82
CA TYR B 45 -4.48 -7.11 -11.77
C TYR B 45 -4.46 -8.63 -11.63
N VAL B 46 -3.70 -9.30 -12.50
CA VAL B 46 -3.57 -10.75 -12.41
C VAL B 46 -2.99 -11.15 -11.06
N HIS B 47 -2.01 -10.38 -10.58
CA HIS B 47 -1.37 -10.67 -9.30
C HIS B 47 -2.38 -10.64 -8.16
N LYS B 48 -3.32 -9.68 -8.18
CA LYS B 48 -4.33 -9.60 -7.14
C LYS B 48 -5.37 -10.71 -7.25
N CYS B 49 -5.72 -11.11 -8.47
CA CYS B 49 -6.53 -12.30 -8.63
C CYS B 49 -5.80 -13.54 -8.14
N CYS B 50 -4.48 -13.58 -8.34
CA CYS B 50 -3.67 -14.70 -7.85
C CYS B 50 -3.72 -14.79 -6.34
N TYR B 51 -3.65 -13.65 -5.65
CA TYR B 51 -3.70 -13.65 -4.19
C TYR B 51 -5.04 -14.13 -3.65
N LYS B 52 -6.13 -13.88 -4.40
CA LYS B 52 -7.44 -14.28 -3.93
C LYS B 52 -7.59 -15.79 -3.87
N LYS B 53 -6.86 -16.52 -4.73
CA LYS B 53 -6.93 -17.98 -4.73
C LYS B 53 -6.21 -18.61 -3.56
N LEU B 54 -5.42 -17.84 -2.81
CA LEU B 54 -4.65 -18.40 -1.70
C LEU B 54 -5.55 -18.69 -0.52
N THR B 55 -5.34 -19.86 0.09
CA THR B 55 -6.05 -20.25 1.29
C THR B 55 -5.04 -20.80 2.29
N GLY B 56 -5.03 -20.24 3.49
CA GLY B 56 -4.19 -20.74 4.57
C GLY B 56 -2.94 -19.94 4.84
N CYS B 57 -2.69 -18.86 4.11
CA CYS B 57 -1.53 -18.03 4.38
C CYS B 57 -1.86 -16.59 4.02
N ASN B 58 -1.08 -15.67 4.61
CA ASN B 58 -1.30 -14.25 4.44
C ASN B 58 -0.28 -13.71 3.46
N PRO B 59 -0.68 -13.29 2.26
CA PRO B 59 0.31 -12.87 1.26
C PRO B 59 1.11 -11.64 1.64
N LYS B 60 0.60 -10.81 2.55
CA LYS B 60 1.31 -9.58 2.90
C LYS B 60 2.43 -9.85 3.91
N LYS B 61 2.19 -10.70 4.90
CA LYS B 61 3.12 -10.88 6.01
C LYS B 61 3.91 -12.19 5.97
N ASP B 62 3.39 -13.23 5.34
CA ASP B 62 4.00 -14.55 5.44
C ASP B 62 5.26 -14.63 4.59
N ARG B 63 6.38 -14.96 5.22
CA ARG B 63 7.65 -15.06 4.51
C ARG B 63 7.79 -16.43 3.85
N TYR B 64 8.60 -16.47 2.79
CA TYR B 64 8.93 -17.71 2.12
C TYR B 64 10.34 -17.61 1.56
N SER B 65 10.90 -18.76 1.21
CA SER B 65 12.26 -18.83 0.70
C SER B 65 12.24 -18.94 -0.83
N TYR B 66 13.11 -18.18 -1.47
CA TYR B 66 13.37 -18.34 -2.89
C TYR B 66 14.82 -17.98 -3.15
N SER B 67 15.34 -18.45 -4.27
CA SER B 67 16.72 -18.16 -4.64
C SER B 67 16.77 -17.63 -6.07
N TRP B 68 17.89 -16.97 -6.35
CA TRP B 68 18.19 -16.36 -7.65
C TRP B 68 19.27 -17.22 -8.28
N LYS B 69 18.86 -18.12 -9.18
CA LYS B 69 19.74 -19.08 -9.82
C LYS B 69 19.65 -18.90 -11.32
N ASP B 70 20.81 -18.74 -11.97
CA ASP B 70 20.86 -18.57 -13.42
C ASP B 70 19.96 -17.40 -13.84
N LYS B 71 19.98 -16.33 -13.05
CA LYS B 71 19.14 -15.15 -13.23
C LYS B 71 17.67 -15.54 -13.40
N THR B 72 17.23 -16.43 -12.52
CA THR B 72 15.86 -16.91 -12.51
C THR B 72 15.40 -16.99 -11.07
N ILE B 73 14.15 -16.57 -10.83
CA ILE B 73 13.53 -16.75 -9.52
C ILE B 73 13.15 -18.22 -9.36
N VAL B 74 13.64 -18.85 -8.30
CA VAL B 74 13.41 -20.26 -8.05
C VAL B 74 12.78 -20.38 -6.67
N CYS B 75 11.48 -20.61 -6.62
CA CYS B 75 10.80 -20.77 -5.35
C CYS B 75 11.35 -21.98 -4.60
N GLY B 76 11.50 -21.83 -3.30
CA GLY B 76 12.06 -22.91 -2.50
C GLY B 76 11.15 -23.32 -1.37
N GLU B 77 9.93 -23.76 -1.72
CA GLU B 77 8.94 -24.15 -0.72
C GLU B 77 8.21 -25.41 -1.16
N ASN B 78 7.91 -26.26 -0.19
CA ASN B 78 7.01 -27.39 -0.39
C ASN B 78 5.58 -27.09 0.04
N ASN B 79 5.39 -26.22 1.03
CA ASN B 79 4.06 -25.91 1.53
C ASN B 79 3.18 -25.34 0.40
N PRO B 80 2.01 -25.93 0.14
CA PRO B 80 1.21 -25.50 -1.02
C PRO B 80 0.91 -24.01 -1.04
N CYS B 81 0.48 -23.42 0.08
CA CYS B 81 0.15 -22.00 0.07
C CYS B 81 1.40 -21.16 -0.19
N LEU B 82 2.48 -21.41 0.56
CA LEU B 82 3.71 -20.63 0.37
C LEU B 82 4.26 -20.81 -1.03
N LYS B 83 4.15 -22.02 -1.58
CA LYS B 83 4.59 -22.27 -2.96
C LYS B 83 3.76 -21.48 -3.96
N GLU B 84 2.42 -21.50 -3.80
CA GLU B 84 1.58 -20.75 -4.72
C GLU B 84 1.79 -19.25 -4.55
N LEU B 85 1.94 -18.79 -3.31
CA LEU B 85 2.21 -17.38 -3.07
C LEU B 85 3.50 -16.95 -3.76
N CYS B 86 4.55 -17.76 -3.64
CA CYS B 86 5.83 -17.44 -4.26
C CYS B 86 5.72 -17.40 -5.78
N GLU B 87 4.93 -18.31 -6.36
CA GLU B 87 4.76 -18.30 -7.81
C GLU B 87 3.90 -17.11 -8.25
N CYS B 88 2.93 -16.68 -7.44
CA CYS B 88 2.21 -15.44 -7.74
C CYS B 88 3.18 -14.27 -7.83
N ASP B 89 4.04 -14.13 -6.82
CA ASP B 89 4.99 -13.01 -6.79
C ASP B 89 6.00 -13.10 -7.92
N LYS B 90 6.54 -14.30 -8.18
CA LYS B 90 7.46 -14.47 -9.32
C LYS B 90 6.80 -14.07 -10.63
N ALA B 91 5.53 -14.44 -10.81
CA ALA B 91 4.86 -14.18 -12.08
C ALA B 91 4.67 -12.69 -12.32
N VAL B 92 4.34 -11.93 -11.27
CA VAL B 92 4.13 -10.50 -11.49
C VAL B 92 5.47 -9.81 -11.74
N ALA B 93 6.53 -10.27 -11.07
CA ALA B 93 7.85 -9.69 -11.32
C ALA B 93 8.28 -9.89 -12.77
N ILE B 94 8.07 -11.11 -13.30
CA ILE B 94 8.36 -11.38 -14.70
C ILE B 94 7.46 -10.55 -15.61
N CYS B 95 6.15 -10.49 -15.29
CA CYS B 95 5.23 -9.76 -16.15
C CYS B 95 5.59 -8.27 -16.20
N LEU B 96 5.95 -7.69 -15.06
CA LEU B 96 6.33 -6.28 -15.04
C LEU B 96 7.57 -6.06 -15.89
N ARG B 97 8.55 -6.97 -15.80
CA ARG B 97 9.75 -6.85 -16.63
C ARG B 97 9.40 -6.91 -18.12
N GLU B 98 8.54 -7.86 -18.51
CA GLU B 98 8.22 -8.03 -19.92
C GLU B 98 7.54 -6.79 -20.51
N ASN B 99 6.84 -6.03 -19.68
CA ASN B 99 6.04 -4.90 -20.15
C ASN B 99 6.66 -3.56 -19.77
N LEU B 100 7.93 -3.56 -19.35
CA LEU B 100 8.63 -2.31 -19.04
C LEU B 100 8.59 -1.34 -20.22
N GLY B 101 8.54 -1.86 -21.45
CA GLY B 101 8.61 -1.01 -22.63
C GLY B 101 7.44 -0.05 -22.79
N THR B 102 6.31 -0.33 -22.16
CA THR B 102 5.14 0.54 -22.22
C THR B 102 4.85 1.21 -20.89
N TYR B 103 5.73 1.05 -19.90
CA TYR B 103 5.58 1.76 -18.63
C TYR B 103 5.47 3.26 -18.89
N ASN B 104 4.46 3.90 -18.30
CA ASN B 104 4.19 5.32 -18.51
C ASN B 104 4.07 5.97 -17.14
N LYS B 105 5.00 6.88 -16.83
CA LYS B 105 5.00 7.55 -15.53
C LYS B 105 3.73 8.34 -15.28
N LYS B 106 2.96 8.66 -16.31
CA LYS B 106 1.72 9.40 -16.09
C LYS B 106 0.70 8.59 -15.30
N TYR B 107 0.84 7.27 -15.24
CA TYR B 107 -0.03 6.43 -14.44
C TYR B 107 0.46 6.26 -13.00
N ARG B 108 1.61 6.83 -12.65
CA ARG B 108 2.02 6.83 -11.25
C ARG B 108 1.07 7.71 -10.44
N TYR B 109 0.74 7.26 -9.22
CA TYR B 109 -0.13 7.99 -8.30
C TYR B 109 -1.51 8.22 -8.89
N HIS B 110 -1.96 7.29 -9.71
CA HIS B 110 -3.30 7.34 -10.27
C HIS B 110 -4.34 7.22 -9.16
N LEU B 111 -5.37 8.06 -9.21
CA LEU B 111 -6.37 8.13 -8.16
C LEU B 111 -7.49 7.12 -8.38
N LYS B 112 -7.97 6.53 -7.29
CA LYS B 112 -9.03 5.52 -7.35
C LYS B 112 -10.35 5.95 -8.00
N PRO B 113 -10.87 7.12 -7.63
CA PRO B 113 -12.14 7.52 -8.25
C PRO B 113 -12.10 7.57 -9.77
N PHE B 114 -10.91 7.57 -10.38
CA PHE B 114 -10.76 7.58 -11.82
C PHE B 114 -10.50 6.18 -12.39
N CYS B 115 -10.91 5.14 -11.66
CA CYS B 115 -10.79 3.75 -12.11
C CYS B 115 -12.18 3.14 -12.22
N LYS B 116 -12.43 2.44 -13.32
CA LYS B 116 -13.71 1.77 -13.46
C LYS B 116 -13.71 0.45 -12.68
N LYS B 117 -14.91 -0.07 -12.44
CA LYS B 117 -15.06 -1.31 -11.68
C LYS B 117 -14.38 -2.45 -12.41
N ALA B 118 -13.57 -3.22 -11.70
CA ALA B 118 -12.90 -4.37 -12.29
C ALA B 118 -13.89 -5.53 -12.46
N ASP B 119 -13.60 -6.37 -13.44
CA ASP B 119 -14.38 -7.59 -13.63
C ASP B 119 -14.07 -8.57 -12.49
N PRO B 120 -14.97 -9.51 -12.23
CA PRO B 120 -14.62 -10.61 -11.32
C PRO B 120 -13.41 -11.37 -11.84
N CYS B 121 -12.60 -11.87 -10.91
CA CYS B 121 -11.41 -12.63 -11.29
C CYS B 121 -11.78 -13.93 -11.99
#